data_5EGL
#
_entry.id   5EGL
#
_cell.length_a   142.260
_cell.length_b   142.260
_cell.length_c   163.892
_cell.angle_alpha   90.00
_cell.angle_beta   90.00
_cell.angle_gamma   120.00
#
_symmetry.space_group_name_H-M   'P 65 2 2'
#
loop_
_entity.id
_entity.type
_entity.pdbx_description
1 polymer 'Acyl CoA Hydrolase'
2 non-polymer 'Butyryl Coenzyme A'
3 non-polymer 'COENZYME A'
4 non-polymer '[[(2~{S},3~{S},4~{R},5~{R})-5-(6-aminopurin-9-yl)-4-oxidanyl-3-phosphonooxy-oxolan-2-yl]methoxy-oxidanyl-phosphoryl] [(3~{R})-4-[[3-[2-[2-[3-[[(2~{R})-4-[[[(2~{R},3~{S},4~{R},5~{R})-5-(6-aminopurin-9-yl)-4-oxidanyl-3-phosphonooxy-oxolan-2-yl]methoxy-oxidanyl-phosphoryl]oxy-oxidanyl-phosphoryl]oxy-3,3-dimethyl-2-oxidanyl-butanoyl]amino]propanoylamino]ethyldisulfanyl]ethylamino]-3-oxidanylidene-propyl]amino]-2,2-dimethyl-3-oxidanyl-4-oxidanylidene-butyl] hydrogen phosphate'
5 water water
#
_entity_poly.entity_id   1
_entity_poly.type   'polypeptide(L)'
_entity_poly.pdbx_seq_one_letter_code
;MTNQDRPMKSMSESKCYKNRQVFPQDTNHHHTMFGGTLMANIDEIAAITAMKHAGAQVVTASTDSVDFLKPIKTGDILQY
VAMVSYAGTSSMEVVVQIRIDDVFNNKHDLAALSYLTFVALDDEGKPKHVPGVYPEDDVEKWFYDTAPQRVERRKARRIE
SKQTIEYLAQAQHIRD
;
_entity_poly.pdbx_strand_id   A,B,C
#
loop_
_chem_comp.id
_chem_comp.type
_chem_comp.name
_chem_comp.formula
5NG non-polymer '[[(2~{S},3~{S},4~{R},5~{R})-5-(6-aminopurin-9-yl)-4-oxidanyl-3-phosphonooxy-oxolan-2-yl]methoxy-oxidanyl-phosphoryl] [(3~{R})-4-[[3-[2-[2-[3-[[(2~{R})-4-[[[(2~{R},3~{S},4~{R},5~{R})-5-(6-aminopurin-9-yl)-4-oxidanyl-3-phosphonooxy-oxolan-2-yl]methoxy-oxidanyl-phosphoryl]oxy-oxidanyl-phosphoryl]oxy-3,3-dimethyl-2-oxidanyl-butanoyl]amino]propanoylamino]ethyldisulfanyl]ethylamino]-3-oxidanylidene-propyl]amino]-2,2-dimethyl-3-oxidanyl-4-oxidanylidene-butyl] hydrogen phosphate' 'C42 H70 N14 O32 P6 S2'
BCO non-polymer 'Butyryl Coenzyme A' 'C25 H42 N7 O17 P3 S'
COA non-polymer 'COENZYME A' 'C21 H36 N7 O16 P3 S'
#
# COMPACT_ATOMS: atom_id res chain seq x y z
N PRO A 7 -13.34 22.87 -27.59
CA PRO A 7 -14.23 23.09 -26.44
C PRO A 7 -13.43 23.36 -25.18
N MET A 8 -13.78 24.39 -24.42
CA MET A 8 -13.04 24.71 -23.21
C MET A 8 -13.97 24.92 -22.03
N LYS A 9 -13.46 24.55 -20.85
CA LYS A 9 -14.18 24.72 -19.60
C LYS A 9 -13.34 25.54 -18.64
N SER A 10 -14.01 26.27 -17.75
CA SER A 10 -13.30 26.98 -16.70
C SER A 10 -12.87 25.96 -15.64
N MET A 11 -11.89 26.36 -14.84
CA MET A 11 -11.43 25.54 -13.74
C MET A 11 -12.55 25.41 -12.71
N SER A 12 -13.38 26.44 -12.58
CA SER A 12 -14.49 26.41 -11.63
C SER A 12 -15.57 25.39 -11.99
N GLU A 13 -15.75 25.11 -13.29
CA GLU A 13 -16.84 24.22 -13.70
C GLU A 13 -16.74 22.83 -13.07
N SER A 14 -15.52 22.33 -12.93
CA SER A 14 -15.31 20.98 -12.39
C SER A 14 -14.64 20.97 -11.01
N LYS A 15 -14.46 22.14 -10.42
CA LYS A 15 -13.80 22.24 -9.13
C LYS A 15 -14.60 21.48 -8.07
N CYS A 16 -13.91 20.72 -7.24
CA CYS A 16 -14.58 19.94 -6.21
C CYS A 16 -14.04 20.23 -4.81
N TYR A 17 -14.93 20.11 -3.84
CA TYR A 17 -14.64 20.40 -2.44
C TYR A 17 -14.96 19.20 -1.59
N LYS A 18 -14.23 19.03 -0.50
CA LYS A 18 -14.62 18.05 0.50
C LYS A 18 -14.25 18.52 1.91
N ASN A 19 -15.23 18.53 2.80
CA ASN A 19 -14.99 18.85 4.20
C ASN A 19 -15.14 17.55 4.95
N ARG A 20 -14.13 17.21 5.72
CA ARG A 20 -14.10 15.91 6.41
C ARG A 20 -13.45 15.99 7.78
N GLN A 21 -14.01 15.20 8.70
CA GLN A 21 -13.42 15.04 10.01
C GLN A 21 -12.41 13.90 9.96
N VAL A 22 -11.37 13.99 10.78
CA VAL A 22 -10.36 12.96 10.83
C VAL A 22 -10.66 12.08 12.03
N PHE A 23 -11.01 10.82 11.77
CA PHE A 23 -11.37 9.87 12.81
C PHE A 23 -10.21 8.95 13.20
N PRO A 24 -10.34 8.28 14.35
CA PRO A 24 -9.29 7.37 14.83
C PRO A 24 -8.95 6.27 13.82
N GLN A 25 -9.92 5.85 13.03
CA GLN A 25 -9.66 4.82 12.03
C GLN A 25 -8.73 5.35 10.95
N ASP A 26 -8.58 6.67 10.89
CA ASP A 26 -7.74 7.29 9.86
C ASP A 26 -6.30 7.57 10.32
N THR A 27 -5.98 7.31 11.59
CA THR A 27 -4.68 7.72 12.12
C THR A 27 -3.90 6.60 12.80
N ASN A 28 -2.58 6.76 12.88
CA ASN A 28 -1.73 5.77 13.53
C ASN A 28 -1.65 5.97 15.04
N HIS A 29 -0.74 5.22 15.66
CA HIS A 29 -0.55 5.23 17.11
C HIS A 29 0.01 6.56 17.61
N HIS A 30 0.49 7.41 16.70
CA HIS A 30 0.92 8.74 17.08
C HIS A 30 -0.18 9.74 16.73
N HIS A 31 -1.37 9.22 16.42
CA HIS A 31 -2.54 10.04 16.12
C HIS A 31 -2.34 10.91 14.89
N THR A 32 -1.47 10.47 13.99
CA THR A 32 -1.22 11.16 12.74
C THR A 32 -1.92 10.40 11.62
N MET A 33 -2.61 11.14 10.76
CA MET A 33 -3.35 10.52 9.67
C MET A 33 -2.42 9.77 8.75
N PHE A 34 -2.85 8.59 8.30
CA PHE A 34 -2.05 7.78 7.38
C PHE A 34 -1.81 8.53 6.08
N GLY A 35 -0.58 8.49 5.60
CA GLY A 35 -0.28 9.05 4.29
C GLY A 35 -1.11 8.34 3.24
N GLY A 36 -1.27 7.03 3.39
CA GLY A 36 -2.03 6.24 2.44
C GLY A 36 -3.49 6.66 2.36
N THR A 37 -4.06 6.95 3.51
CA THR A 37 -5.46 7.39 3.59
C THR A 37 -5.62 8.76 2.94
N LEU A 38 -4.70 9.68 3.27
CA LEU A 38 -4.73 10.99 2.67
C LEU A 38 -4.62 10.82 1.15
N MET A 39 -3.70 9.99 0.68
CA MET A 39 -3.59 9.78 -0.76
C MET A 39 -4.86 9.20 -1.36
N ALA A 40 -5.49 8.24 -0.68
CA ALA A 40 -6.77 7.70 -1.18
C ALA A 40 -7.87 8.78 -1.29
N ASN A 41 -8.03 9.59 -0.24
CA ASN A 41 -8.97 10.73 -0.28
C ASN A 41 -8.67 11.74 -1.39
N ILE A 42 -7.38 12.04 -1.54
CA ILE A 42 -6.93 12.93 -2.60
C ILE A 42 -7.33 12.36 -3.96
N ASP A 43 -6.96 11.10 -4.19
CA ASP A 43 -7.28 10.45 -5.45
C ASP A 43 -8.79 10.45 -5.69
N GLU A 44 -9.55 10.13 -4.65
CA GLU A 44 -11.00 10.07 -4.80
C GLU A 44 -11.58 11.40 -5.26
N ILE A 45 -11.24 12.50 -4.59
CA ILE A 45 -11.83 13.77 -5.01
C ILE A 45 -11.28 14.25 -6.40
N ALA A 46 -9.98 14.03 -6.62
CA ALA A 46 -9.37 14.41 -7.89
C ALA A 46 -10.03 13.69 -9.08
N ALA A 47 -10.32 12.41 -8.91
CA ALA A 47 -10.96 11.63 -9.98
C ALA A 47 -12.33 12.23 -10.34
N ILE A 48 -13.07 12.67 -9.34
CA ILE A 48 -14.38 13.26 -9.59
C ILE A 48 -14.21 14.55 -10.38
N THR A 49 -13.26 15.38 -9.96
CA THR A 49 -12.95 16.59 -10.71
C THR A 49 -12.59 16.28 -12.19
N ALA A 50 -11.69 15.31 -12.37
CA ALA A 50 -11.27 14.94 -13.72
C ALA A 50 -12.46 14.42 -14.55
N MET A 51 -13.30 13.60 -13.94
CA MET A 51 -14.50 13.08 -14.61
C MET A 51 -15.43 14.21 -15.03
N LYS A 52 -15.61 15.18 -14.14
CA LYS A 52 -16.46 16.31 -14.44
C LYS A 52 -15.89 17.11 -15.60
N HIS A 53 -14.58 17.35 -15.57
CA HIS A 53 -13.97 18.09 -16.66
C HIS A 53 -14.02 17.34 -18.00
N ALA A 54 -13.64 16.07 -17.98
CA ALA A 54 -13.58 15.27 -19.21
C ALA A 54 -14.96 14.96 -19.75
N GLY A 55 -15.95 14.88 -18.86
CA GLY A 55 -17.29 14.48 -19.25
C GLY A 55 -17.26 13.02 -19.63
N ALA A 56 -16.32 12.29 -19.04
CA ALA A 56 -16.14 10.89 -19.38
C ALA A 56 -15.45 10.18 -18.24
N GLN A 57 -15.39 8.86 -18.32
CA GLN A 57 -14.71 8.07 -17.32
C GLN A 57 -13.21 8.35 -17.39
N VAL A 58 -12.53 8.17 -16.27
CA VAL A 58 -11.11 8.43 -16.19
C VAL A 58 -10.40 7.35 -15.42
N VAL A 59 -9.08 7.31 -15.59
CA VAL A 59 -8.26 6.47 -14.73
C VAL A 59 -7.10 7.33 -14.23
N THR A 60 -6.62 6.97 -13.05
CA THR A 60 -5.46 7.61 -12.47
C THR A 60 -4.22 7.10 -13.16
N ALA A 61 -3.52 7.96 -13.86
CA ALA A 61 -2.29 7.57 -14.54
C ALA A 61 -1.15 7.62 -13.54
N SER A 62 -1.13 8.66 -12.73
CA SER A 62 -0.09 8.80 -11.75
C SER A 62 -0.41 9.78 -10.64
N THR A 63 0.29 9.60 -9.53
CA THR A 63 0.32 10.60 -8.48
C THR A 63 1.68 11.21 -8.70
N ASP A 64 1.69 12.45 -9.15
CA ASP A 64 2.91 13.15 -9.51
C ASP A 64 3.69 13.58 -8.28
N SER A 65 2.98 14.00 -7.26
CA SER A 65 3.58 14.23 -5.95
C SER A 65 2.54 14.55 -4.91
N VAL A 66 2.92 14.24 -3.67
CA VAL A 66 2.18 14.66 -2.51
C VAL A 66 3.21 15.23 -1.54
N ASP A 67 3.05 16.48 -1.17
CA ASP A 67 3.92 17.08 -0.19
C ASP A 67 3.13 17.19 1.11
N PHE A 68 3.63 16.51 2.14
CA PHE A 68 3.04 16.49 3.48
C PHE A 68 3.68 17.59 4.31
N LEU A 69 3.00 18.72 4.38
CA LEU A 69 3.58 19.92 4.96
C LEU A 69 3.41 20.04 6.47
N LYS A 70 2.21 19.76 6.96
CA LYS A 70 1.91 19.87 8.38
C LYS A 70 1.19 18.63 8.85
N PRO A 71 1.54 18.13 10.05
CA PRO A 71 0.89 16.91 10.50
C PRO A 71 -0.61 17.08 10.70
N ILE A 72 -1.38 16.12 10.18
CA ILE A 72 -2.82 16.05 10.38
C ILE A 72 -3.14 15.10 11.53
N LYS A 73 -3.95 15.55 12.47
CA LYS A 73 -4.16 14.78 13.70
C LYS A 73 -5.60 14.32 13.87
N THR A 74 -5.78 13.26 14.66
CA THR A 74 -7.10 12.76 14.99
C THR A 74 -7.93 13.92 15.50
N GLY A 75 -9.14 14.09 14.98
CA GLY A 75 -10.01 15.16 15.42
C GLY A 75 -9.92 16.44 14.58
N ASP A 76 -8.92 16.54 13.71
CA ASP A 76 -8.80 17.70 12.83
C ASP A 76 -9.95 17.74 11.83
N ILE A 77 -10.25 18.94 11.38
CA ILE A 77 -11.22 19.16 10.32
C ILE A 77 -10.43 19.57 9.07
N LEU A 78 -10.66 18.85 7.99
CA LEU A 78 -9.94 19.05 6.74
C LEU A 78 -10.85 19.59 5.65
N GLN A 79 -10.30 20.46 4.82
CA GLN A 79 -10.94 20.86 3.59
C GLN A 79 -10.04 20.49 2.40
N TYR A 80 -10.57 19.68 1.50
CA TYR A 80 -9.91 19.33 0.25
C TYR A 80 -10.50 20.17 -0.86
N VAL A 81 -9.63 20.75 -1.68
CA VAL A 81 -10.06 21.46 -2.87
C VAL A 81 -9.31 20.92 -4.09
N ALA A 82 -10.05 20.48 -5.09
CA ALA A 82 -9.46 19.89 -6.28
C ALA A 82 -9.89 20.62 -7.54
N MET A 83 -8.94 20.84 -8.44
CA MET A 83 -9.27 21.40 -9.74
C MET A 83 -8.29 21.00 -10.85
N VAL A 84 -8.76 21.09 -12.09
CA VAL A 84 -7.94 20.78 -13.25
C VAL A 84 -7.07 21.99 -13.56
N SER A 85 -5.75 21.78 -13.55
CA SER A 85 -4.82 22.87 -13.78
C SER A 85 -4.19 22.80 -15.16
N TYR A 86 -4.33 21.64 -15.81
CA TYR A 86 -3.79 21.44 -17.14
C TYR A 86 -4.58 20.38 -17.89
N ALA A 87 -4.80 20.62 -19.17
CA ALA A 87 -5.48 19.67 -20.04
C ALA A 87 -4.63 19.40 -21.28
N GLY A 88 -4.19 18.16 -21.43
CA GLY A 88 -3.41 17.77 -22.58
C GLY A 88 -4.35 17.31 -23.68
N THR A 89 -3.98 16.24 -24.35
CA THR A 89 -4.84 15.65 -25.37
C THR A 89 -5.85 14.75 -24.69
N SER A 90 -5.34 13.79 -23.93
CA SER A 90 -6.17 12.81 -23.27
C SER A 90 -5.99 12.86 -21.76
N SER A 91 -5.05 13.68 -21.31
CA SER A 91 -4.68 13.68 -19.90
C SER A 91 -5.02 15.00 -19.23
N MET A 92 -5.17 14.95 -17.91
CA MET A 92 -5.45 16.15 -17.13
C MET A 92 -4.55 16.14 -15.91
N GLU A 93 -4.07 17.31 -15.53
CA GLU A 93 -3.44 17.47 -14.22
C GLU A 93 -4.49 18.01 -13.28
N VAL A 94 -4.63 17.34 -12.13
CA VAL A 94 -5.52 17.80 -11.09
C VAL A 94 -4.65 18.17 -9.90
N VAL A 95 -4.89 19.37 -9.38
CA VAL A 95 -4.20 19.81 -8.20
C VAL A 95 -5.19 19.77 -7.03
N VAL A 96 -4.71 19.22 -5.92
CA VAL A 96 -5.50 19.11 -4.72
C VAL A 96 -4.79 19.79 -3.55
N GLN A 97 -5.50 20.74 -2.94
CA GLN A 97 -5.06 21.42 -1.76
C GLN A 97 -5.75 20.78 -0.57
N ILE A 98 -4.97 20.45 0.46
CA ILE A 98 -5.54 19.89 1.67
C ILE A 98 -5.23 20.84 2.82
N ARG A 99 -6.29 21.42 3.38
CA ARG A 99 -6.19 22.41 4.43
C ARG A 99 -6.74 21.89 5.75
N ILE A 100 -6.13 22.30 6.85
CA ILE A 100 -6.67 22.07 8.19
C ILE A 100 -7.47 23.30 8.57
N ASP A 101 -8.77 23.10 8.74
CA ASP A 101 -9.71 24.17 9.10
C ASP A 101 -9.72 24.47 10.59
N ASP A 102 -9.52 25.74 10.93
CA ASP A 102 -9.65 26.17 12.33
C ASP A 102 -11.01 26.85 12.47
N VAL A 103 -12.02 26.07 12.86
CA VAL A 103 -13.40 26.54 12.85
C VAL A 103 -13.60 27.70 13.83
N PHE A 104 -12.85 27.67 14.92
CA PHE A 104 -12.97 28.71 15.93
C PHE A 104 -12.57 30.06 15.35
N ASN A 105 -11.47 30.10 14.61
CA ASN A 105 -10.91 31.36 14.13
C ASN A 105 -11.19 31.64 12.66
N ASN A 106 -11.97 30.76 12.02
CA ASN A 106 -12.29 30.93 10.60
C ASN A 106 -11.02 31.06 9.77
N LYS A 107 -9.98 30.31 10.15
CA LYS A 107 -8.68 30.38 9.47
C LYS A 107 -8.22 28.95 9.12
N HIS A 108 -7.44 28.78 8.06
CA HIS A 108 -7.00 27.42 7.72
C HIS A 108 -5.51 27.39 7.37
N ASP A 109 -4.90 26.25 7.70
CA ASP A 109 -3.49 26.00 7.41
C ASP A 109 -3.38 24.95 6.31
N LEU A 110 -2.44 25.15 5.39
CA LEU A 110 -2.24 24.22 4.30
C LEU A 110 -1.45 23.03 4.84
N ALA A 111 -2.10 21.88 4.90
CA ALA A 111 -1.48 20.67 5.44
C ALA A 111 -0.79 19.86 4.37
N ALA A 112 -1.35 19.85 3.18
CA ALA A 112 -0.74 19.07 2.10
C ALA A 112 -1.06 19.59 0.73
N LEU A 113 -0.16 19.30 -0.19
CA LEU A 113 -0.36 19.72 -1.58
C LEU A 113 -0.10 18.55 -2.50
N SER A 114 -1.00 18.33 -3.45
CA SER A 114 -0.82 17.18 -4.33
C SER A 114 -1.15 17.47 -5.77
N TYR A 115 -0.42 16.80 -6.66
CA TYR A 115 -0.66 16.89 -8.10
C TYR A 115 -0.82 15.49 -8.67
N LEU A 116 -1.85 15.28 -9.46
CA LEU A 116 -2.10 13.98 -10.07
C LEU A 116 -2.43 14.10 -11.55
N THR A 117 -2.17 13.03 -12.29
CA THR A 117 -2.51 12.99 -13.71
C THR A 117 -3.56 11.93 -13.99
N PHE A 118 -4.62 12.35 -14.67
CA PHE A 118 -5.71 11.46 -15.03
C PHE A 118 -5.83 11.35 -16.53
N VAL A 119 -6.32 10.20 -16.98
CA VAL A 119 -6.58 9.99 -18.39
C VAL A 119 -8.04 9.63 -18.61
N ALA A 120 -8.68 10.36 -19.53
CA ALA A 120 -10.06 10.12 -19.92
C ALA A 120 -10.13 8.95 -20.88
N LEU A 121 -11.16 8.12 -20.72
CA LEU A 121 -11.35 6.98 -21.59
C LEU A 121 -12.74 6.98 -22.23
N ASP A 122 -12.83 6.40 -23.43
CA ASP A 122 -14.12 6.21 -24.09
C ASP A 122 -14.74 4.91 -23.59
N ASP A 123 -15.95 4.60 -24.06
CA ASP A 123 -16.62 3.37 -23.66
C ASP A 123 -15.81 2.13 -24.05
N GLU A 124 -15.01 2.26 -25.10
CA GLU A 124 -14.14 1.16 -25.55
C GLU A 124 -12.91 0.99 -24.66
N GLY A 125 -12.65 1.99 -23.81
CA GLY A 125 -11.54 1.90 -22.86
C GLY A 125 -10.24 2.49 -23.37
N LYS A 126 -10.29 3.24 -24.46
CA LYS A 126 -9.11 3.87 -25.05
C LYS A 126 -9.07 5.36 -24.71
N PRO A 127 -7.86 5.92 -24.58
CA PRO A 127 -7.74 7.35 -24.25
C PRO A 127 -8.60 8.22 -25.15
N LYS A 128 -9.23 9.22 -24.56
CA LYS A 128 -10.21 10.04 -25.25
C LYS A 128 -9.90 11.53 -25.04
N HIS A 129 -10.20 12.35 -26.04
CA HIS A 129 -9.88 13.77 -25.98
C HIS A 129 -10.67 14.49 -24.91
N VAL A 130 -10.04 15.44 -24.22
CA VAL A 130 -10.71 16.19 -23.18
C VAL A 130 -10.80 17.65 -23.59
N PRO A 131 -11.75 18.39 -23.00
CA PRO A 131 -11.82 19.83 -23.26
C PRO A 131 -10.59 20.55 -22.76
N GLY A 132 -10.35 21.77 -23.23
CA GLY A 132 -9.27 22.58 -22.72
C GLY A 132 -9.74 23.22 -21.43
N VAL A 133 -8.83 23.85 -20.70
CA VAL A 133 -9.20 24.46 -19.45
C VAL A 133 -8.65 25.88 -19.35
N TYR A 134 -9.39 26.77 -18.69
CA TYR A 134 -8.92 28.14 -18.47
C TYR A 134 -9.24 28.60 -17.05
N PRO A 135 -8.35 29.40 -16.44
CA PRO A 135 -8.59 29.94 -15.09
C PRO A 135 -9.43 31.20 -15.10
N GLU A 136 -10.03 31.55 -13.96
CA GLU A 136 -10.77 32.79 -13.86
C GLU A 136 -10.34 33.65 -12.68
N ASP A 137 -10.02 33.03 -11.55
CA ASP A 137 -9.57 33.85 -10.41
C ASP A 137 -8.11 33.57 -10.12
N ASP A 138 -7.58 34.31 -9.16
CA ASP A 138 -6.14 34.39 -8.95
C ASP A 138 -5.46 33.05 -8.60
N VAL A 139 -6.02 32.29 -7.66
CA VAL A 139 -5.44 31.00 -7.28
C VAL A 139 -5.49 30.02 -8.45
N GLU A 140 -6.62 30.01 -9.15
CA GLU A 140 -6.76 29.19 -10.34
C GLU A 140 -5.66 29.54 -11.33
N LYS A 141 -5.46 30.85 -11.52
CA LYS A 141 -4.42 31.32 -12.42
C LYS A 141 -3.03 30.93 -11.94
N TRP A 142 -2.80 30.97 -10.62
CA TRP A 142 -1.51 30.53 -10.12
C TRP A 142 -1.22 29.09 -10.51
N PHE A 143 -2.15 28.18 -10.21
CA PHE A 143 -1.93 26.77 -10.54
C PHE A 143 -1.88 26.53 -12.05
N TYR A 144 -2.73 27.22 -12.79
CA TYR A 144 -2.71 27.14 -14.24
C TYR A 144 -1.36 27.61 -14.80
N ASP A 145 -0.87 28.75 -14.31
CA ASP A 145 0.37 29.32 -14.82
C ASP A 145 1.58 28.47 -14.48
N THR A 146 1.59 27.85 -13.30
CA THR A 146 2.73 27.02 -12.95
C THR A 146 2.66 25.57 -13.48
N ALA A 147 1.57 25.21 -14.17
CA ALA A 147 1.39 23.83 -14.63
C ALA A 147 2.42 23.36 -15.69
N PRO A 148 2.72 24.22 -16.67
CA PRO A 148 3.61 23.74 -17.76
C PRO A 148 4.93 23.15 -17.24
N GLN A 149 5.53 23.81 -16.25
CA GLN A 149 6.75 23.31 -15.63
C GLN A 149 6.54 21.95 -14.96
N ARG A 150 5.42 21.76 -14.27
CA ARG A 150 5.16 20.47 -13.65
C ARG A 150 4.98 19.38 -14.71
N VAL A 151 4.23 19.72 -15.75
CA VAL A 151 3.95 18.79 -16.83
C VAL A 151 5.25 18.32 -17.48
N GLU A 152 6.16 19.25 -17.75
CA GLU A 152 7.45 18.85 -18.33
C GLU A 152 8.18 17.83 -17.41
N ARG A 153 8.10 18.04 -16.10
CA ARG A 153 8.68 17.10 -15.14
C ARG A 153 8.03 15.73 -15.21
N ARG A 154 6.70 15.72 -15.26
CA ARG A 154 5.98 14.46 -15.36
C ARG A 154 6.40 13.70 -16.62
N LYS A 155 6.47 14.43 -17.73
CA LYS A 155 6.88 13.81 -18.97
C LYS A 155 8.31 13.30 -18.84
N ALA A 156 9.18 14.07 -18.22
CA ALA A 156 10.53 13.60 -17.97
C ALA A 156 10.53 12.32 -17.14
N ARG A 157 9.67 12.25 -16.11
CA ARG A 157 9.61 11.05 -15.27
C ARG A 157 9.21 9.81 -16.05
N ARG A 158 8.21 9.97 -16.91
CA ARG A 158 7.76 8.83 -17.72
C ARG A 158 8.95 8.14 -18.41
N ILE A 159 9.89 8.94 -18.92
CA ILE A 159 11.06 8.41 -19.60
C ILE A 159 11.82 7.47 -18.67
N GLU A 160 12.13 7.96 -17.47
CA GLU A 160 12.83 7.18 -16.46
C GLU A 160 12.05 5.92 -16.06
N SER A 161 10.74 6.05 -15.89
CA SER A 161 9.94 4.89 -15.54
C SER A 161 10.11 3.83 -16.62
N LYS A 162 10.03 4.26 -17.87
CA LYS A 162 10.26 3.34 -18.98
C LYS A 162 11.66 2.72 -18.94
N GLN A 163 12.69 3.51 -18.64
CA GLN A 163 14.02 2.94 -18.49
C GLN A 163 14.02 1.83 -17.44
N THR A 164 13.42 2.12 -16.28
CA THR A 164 13.40 1.16 -15.19
C THR A 164 12.60 -0.09 -15.56
N ILE A 165 11.45 0.09 -16.21
CA ILE A 165 10.65 -1.05 -16.64
C ILE A 165 11.47 -1.90 -17.58
N GLU A 166 12.11 -1.24 -18.53
CA GLU A 166 12.89 -1.93 -19.53
C GLU A 166 13.99 -2.75 -18.86
N TYR A 167 14.67 -2.13 -17.90
CA TYR A 167 15.71 -2.84 -17.15
C TYR A 167 15.16 -4.01 -16.34
N LEU A 168 14.05 -3.79 -15.66
CA LEU A 168 13.46 -4.81 -14.79
C LEU A 168 13.01 -6.04 -15.56
N ALA A 169 12.68 -5.87 -16.84
CA ALA A 169 12.35 -7.02 -17.68
C ALA A 169 13.61 -7.87 -17.89
N GLN A 170 14.09 -8.47 -16.79
CA GLN A 170 15.30 -9.29 -16.81
C GLN A 170 15.24 -10.35 -15.71
N ARG B 6 29.53 5.98 8.66
CA ARG B 6 28.33 5.70 9.42
C ARG B 6 27.91 4.23 9.25
N PRO B 7 27.19 3.67 10.24
CA PRO B 7 26.67 2.30 10.10
C PRO B 7 25.88 2.09 8.82
N MET B 8 26.01 0.91 8.21
CA MET B 8 25.44 0.64 6.91
C MET B 8 24.54 -0.60 6.95
N LYS B 9 23.47 -0.57 6.17
CA LYS B 9 22.58 -1.73 6.02
C LYS B 9 22.42 -2.10 4.56
N SER B 10 22.18 -3.37 4.28
CA SER B 10 21.86 -3.78 2.92
C SER B 10 20.42 -3.40 2.61
N MET B 11 20.11 -3.29 1.32
CA MET B 11 18.74 -3.02 0.88
C MET B 11 17.84 -4.22 1.22
N SER B 12 18.41 -5.42 1.15
CA SER B 12 17.68 -6.64 1.49
C SER B 12 17.32 -6.71 2.96
N GLU B 13 18.16 -6.11 3.80
CA GLU B 13 18.00 -6.21 5.25
C GLU B 13 16.66 -5.71 5.78
N SER B 14 16.14 -4.63 5.21
CA SER B 14 14.88 -4.05 5.68
C SER B 14 13.76 -4.25 4.66
N LYS B 15 14.04 -5.04 3.64
CA LYS B 15 13.11 -5.25 2.54
C LYS B 15 11.81 -5.89 3.03
N CYS B 16 10.67 -5.40 2.51
CA CYS B 16 9.38 -5.95 2.92
C CYS B 16 8.57 -6.42 1.73
N TYR B 17 7.74 -7.43 1.97
CA TYR B 17 6.92 -8.05 0.94
C TYR B 17 5.45 -7.99 1.33
N LYS B 18 4.57 -7.98 0.33
CA LYS B 18 3.14 -8.14 0.57
C LYS B 18 2.46 -8.92 -0.53
N ASN B 19 1.65 -9.90 -0.15
CA ASN B 19 0.85 -10.65 -1.11
C ASN B 19 -0.62 -10.35 -0.91
N ARG B 20 -1.35 -10.03 -1.98
CA ARG B 20 -2.76 -9.66 -1.86
C ARG B 20 -3.60 -10.19 -3.03
N GLN B 21 -4.83 -10.62 -2.75
CA GLN B 21 -5.78 -11.00 -3.80
C GLN B 21 -6.57 -9.77 -4.23
N VAL B 22 -7.06 -9.77 -5.46
CA VAL B 22 -7.92 -8.68 -5.93
C VAL B 22 -9.36 -9.22 -6.09
N PHE B 23 -10.27 -8.77 -5.23
CA PHE B 23 -11.66 -9.26 -5.26
C PHE B 23 -12.56 -8.29 -6.02
N PRO B 24 -13.78 -8.75 -6.40
CA PRO B 24 -14.67 -7.84 -7.13
C PRO B 24 -14.97 -6.55 -6.35
N GLN B 25 -15.03 -6.63 -5.03
CA GLN B 25 -15.26 -5.45 -4.20
C GLN B 25 -14.06 -4.50 -4.21
N ASP B 26 -12.93 -4.94 -4.74
CA ASP B 26 -11.72 -4.11 -4.81
C ASP B 26 -11.61 -3.35 -6.13
N THR B 27 -12.56 -3.60 -7.04
CA THR B 27 -12.46 -3.03 -8.37
C THR B 27 -13.75 -2.32 -8.75
N ASN B 28 -13.65 -1.45 -9.75
CA ASN B 28 -14.82 -0.75 -10.24
C ASN B 28 -15.63 -1.63 -11.18
N HIS B 29 -16.65 -1.04 -11.82
CA HIS B 29 -17.52 -1.78 -12.72
C HIS B 29 -16.80 -2.23 -14.00
N HIS B 30 -15.60 -1.69 -14.26
CA HIS B 30 -14.81 -2.14 -15.40
C HIS B 30 -13.74 -3.12 -14.92
N HIS B 31 -13.90 -3.59 -13.70
CA HIS B 31 -13.04 -4.60 -13.09
C HIS B 31 -11.61 -4.12 -12.85
N THR B 32 -11.44 -2.81 -12.73
CA THR B 32 -10.12 -2.24 -12.46
C THR B 32 -10.01 -1.84 -11.00
N MET B 33 -8.92 -2.25 -10.36
CA MET B 33 -8.72 -2.00 -8.95
C MET B 33 -8.63 -0.52 -8.64
N PHE B 34 -9.29 -0.11 -7.56
CA PHE B 34 -9.31 1.28 -7.12
C PHE B 34 -7.89 1.75 -6.78
N GLY B 35 -7.52 2.93 -7.28
CA GLY B 35 -6.23 3.52 -6.98
C GLY B 35 -5.98 3.77 -5.50
N GLY B 36 -7.02 4.16 -4.77
CA GLY B 36 -6.90 4.46 -3.36
C GLY B 36 -6.43 3.28 -2.53
N THR B 37 -6.93 2.10 -2.87
CA THR B 37 -6.57 0.87 -2.17
C THR B 37 -5.08 0.60 -2.38
N LEU B 38 -4.66 0.73 -3.64
CA LEU B 38 -3.25 0.56 -3.98
C LEU B 38 -2.37 1.55 -3.22
N MET B 39 -2.78 2.81 -3.22
CA MET B 39 -2.03 3.87 -2.56
C MET B 39 -1.90 3.61 -1.05
N ALA B 40 -3.00 3.16 -0.45
CA ALA B 40 -3.00 2.81 0.96
C ALA B 40 -2.00 1.68 1.24
N ASN B 41 -2.08 0.60 0.45
CA ASN B 41 -1.12 -0.50 0.64
C ASN B 41 0.34 -0.03 0.45
N ILE B 42 0.57 0.78 -0.58
CA ILE B 42 1.93 1.27 -0.86
C ILE B 42 2.49 2.02 0.32
N ASP B 43 1.74 3.00 0.82
CA ASP B 43 2.22 3.77 1.96
C ASP B 43 2.45 2.88 3.16
N GLU B 44 1.51 1.96 3.38
CA GLU B 44 1.64 1.08 4.54
C GLU B 44 2.96 0.29 4.47
N ILE B 45 3.22 -0.39 3.36
CA ILE B 45 4.41 -1.24 3.34
C ILE B 45 5.69 -0.37 3.37
N ALA B 46 5.67 0.76 2.65
CA ALA B 46 6.83 1.66 2.66
C ALA B 46 7.17 2.15 4.06
N ALA B 47 6.14 2.52 4.84
CA ALA B 47 6.40 3.01 6.19
C ALA B 47 7.10 1.97 7.08
N ILE B 48 6.70 0.71 6.95
CA ILE B 48 7.31 -0.35 7.73
C ILE B 48 8.75 -0.56 7.28
N THR B 49 8.96 -0.60 5.97
CA THR B 49 10.32 -0.73 5.45
C THR B 49 11.21 0.40 6.01
N ALA B 50 10.74 1.64 5.93
CA ALA B 50 11.51 2.78 6.44
C ALA B 50 11.77 2.67 7.93
N MET B 51 10.76 2.27 8.70
CA MET B 51 10.97 2.07 10.13
C MET B 51 12.02 1.00 10.39
N LYS B 52 11.98 -0.08 9.63
CA LYS B 52 12.96 -1.14 9.81
C LYS B 52 14.35 -0.64 9.50
N HIS B 53 14.52 0.07 8.39
CA HIS B 53 15.85 0.59 8.07
C HIS B 53 16.34 1.59 9.12
N ALA B 54 15.47 2.53 9.47
CA ALA B 54 15.84 3.60 10.40
C ALA B 54 16.05 3.11 11.83
N GLY B 55 15.34 2.05 12.21
CA GLY B 55 15.40 1.60 13.59
C GLY B 55 14.72 2.63 14.49
N ALA B 56 13.76 3.36 13.92
CA ALA B 56 13.08 4.42 14.65
C ALA B 56 11.73 4.72 14.04
N GLN B 57 10.93 5.56 14.70
CA GLN B 57 9.67 5.97 14.11
C GLN B 57 9.97 6.86 12.90
N VAL B 58 9.04 6.89 11.96
CA VAL B 58 9.22 7.67 10.76
C VAL B 58 7.94 8.42 10.40
N VAL B 59 8.07 9.43 9.55
CA VAL B 59 6.92 10.09 8.95
C VAL B 59 7.10 10.22 7.44
N THR B 60 6.00 10.19 6.70
CA THR B 60 6.04 10.37 5.27
C THR B 60 6.26 11.84 5.00
N ALA B 61 7.38 12.20 4.37
CA ALA B 61 7.65 13.59 4.04
C ALA B 61 6.95 13.91 2.73
N SER B 62 7.01 12.97 1.79
CA SER B 62 6.36 13.17 0.51
C SER B 62 6.16 11.86 -0.23
N THR B 63 5.21 11.89 -1.15
CA THR B 63 5.04 10.81 -2.10
C THR B 63 5.62 11.40 -3.35
N ASP B 64 6.76 10.88 -3.75
CA ASP B 64 7.53 11.41 -4.86
C ASP B 64 6.88 11.04 -6.16
N SER B 65 6.39 9.81 -6.21
CA SER B 65 5.59 9.43 -7.35
C SER B 65 4.91 8.08 -7.18
N VAL B 66 3.80 7.94 -7.87
CA VAL B 66 3.15 6.65 -8.05
C VAL B 66 2.76 6.58 -9.52
N ASP B 67 3.33 5.63 -10.25
CA ASP B 67 2.95 5.41 -11.64
C ASP B 67 2.18 4.11 -11.78
N PHE B 68 0.98 4.23 -12.33
CA PHE B 68 0.11 3.10 -12.62
C PHE B 68 0.32 2.67 -14.06
N LEU B 69 1.15 1.65 -14.24
CA LEU B 69 1.62 1.24 -15.56
C LEU B 69 0.64 0.35 -16.30
N LYS B 70 0.05 -0.61 -15.59
CA LYS B 70 -0.90 -1.53 -16.19
C LYS B 70 -2.14 -1.69 -15.31
N PRO B 71 -3.33 -1.81 -15.93
CA PRO B 71 -4.51 -1.97 -15.08
C PRO B 71 -4.46 -3.25 -14.26
N ILE B 72 -4.80 -3.16 -12.98
CA ILE B 72 -4.91 -4.33 -12.14
C ILE B 72 -6.37 -4.76 -12.15
N LYS B 73 -6.61 -6.05 -12.39
CA LYS B 73 -7.97 -6.53 -12.66
C LYS B 73 -8.47 -7.52 -11.61
N THR B 74 -9.80 -7.63 -11.52
CA THR B 74 -10.42 -8.62 -10.65
C THR B 74 -9.83 -10.00 -10.91
N GLY B 75 -9.44 -10.67 -9.84
CA GLY B 75 -8.86 -12.01 -9.93
C GLY B 75 -7.35 -12.02 -9.98
N ASP B 76 -6.74 -10.86 -10.21
CA ASP B 76 -5.29 -10.76 -10.19
C ASP B 76 -4.76 -11.00 -8.78
N ILE B 77 -3.54 -11.54 -8.72
CA ILE B 77 -2.82 -11.70 -7.47
C ILE B 77 -1.64 -10.74 -7.46
N LEU B 78 -1.47 -9.99 -6.38
CA LEU B 78 -0.45 -8.96 -6.31
C LEU B 78 0.68 -9.29 -5.34
N GLN B 79 1.88 -8.93 -5.75
CA GLN B 79 3.04 -8.92 -4.85
C GLN B 79 3.64 -7.52 -4.78
N TYR B 80 3.75 -7.01 -3.57
CA TYR B 80 4.41 -5.75 -3.29
C TYR B 80 5.80 -6.02 -2.76
N VAL B 81 6.77 -5.29 -3.30
CA VAL B 81 8.14 -5.33 -2.79
C VAL B 81 8.60 -3.92 -2.46
N ALA B 82 9.02 -3.70 -1.22
CA ALA B 82 9.46 -2.38 -0.80
C ALA B 82 10.87 -2.43 -0.23
N MET B 83 11.69 -1.45 -0.59
CA MET B 83 13.02 -1.30 0.02
C MET B 83 13.58 0.12 -0.02
N VAL B 84 14.54 0.39 0.85
CA VAL B 84 15.21 1.69 0.89
C VAL B 84 16.23 1.76 -0.24
N SER B 85 16.05 2.72 -1.13
CA SER B 85 16.92 2.84 -2.29
C SER B 85 17.90 4.00 -2.13
N TYR B 86 17.67 4.85 -1.14
CA TYR B 86 18.57 5.97 -0.89
C TYR B 86 18.45 6.41 0.56
N ALA B 87 19.58 6.78 1.14
CA ALA B 87 19.62 7.26 2.51
C ALA B 87 20.33 8.59 2.58
N GLY B 88 19.61 9.62 3.00
CA GLY B 88 20.23 10.92 3.21
C GLY B 88 20.74 10.94 4.63
N THR B 89 20.63 12.07 5.30
CA THR B 89 21.06 12.20 6.68
C THR B 89 20.02 11.64 7.63
N SER B 90 18.79 12.13 7.49
CA SER B 90 17.68 11.73 8.34
C SER B 90 16.54 11.17 7.50
N SER B 91 16.72 11.18 6.18
CA SER B 91 15.67 10.81 5.27
C SER B 91 15.99 9.55 4.48
N MET B 92 14.94 8.90 3.99
CA MET B 92 15.07 7.71 3.18
C MET B 92 14.15 7.77 2.00
N GLU B 93 14.61 7.27 0.87
CA GLU B 93 13.74 6.99 -0.25
C GLU B 93 13.37 5.52 -0.18
N VAL B 94 12.08 5.24 -0.24
CA VAL B 94 11.60 3.88 -0.34
C VAL B 94 10.99 3.70 -1.70
N VAL B 95 11.43 2.62 -2.35
CA VAL B 95 10.89 2.26 -3.64
C VAL B 95 9.98 1.06 -3.42
N VAL B 96 8.80 1.14 -4.02
CA VAL B 96 7.80 0.10 -3.96
C VAL B 96 7.40 -0.36 -5.35
N GLN B 97 7.59 -1.65 -5.56
CA GLN B 97 7.16 -2.31 -6.80
C GLN B 97 5.87 -3.09 -6.55
N ILE B 98 4.90 -2.91 -7.44
CA ILE B 98 3.66 -3.67 -7.37
C ILE B 98 3.54 -4.52 -8.63
N ARG B 99 3.60 -5.84 -8.41
CA ARG B 99 3.58 -6.81 -9.50
C ARG B 99 2.33 -7.67 -9.50
N ILE B 100 1.90 -8.02 -10.70
CA ILE B 100 0.82 -8.98 -10.89
C ILE B 100 1.46 -10.37 -11.02
N ASP B 101 1.15 -11.24 -10.08
CA ASP B 101 1.74 -12.57 -10.00
C ASP B 101 1.13 -13.55 -11.00
N ASP B 102 1.99 -14.21 -11.76
CA ASP B 102 1.57 -15.26 -12.69
C ASP B 102 1.83 -16.64 -12.10
N LYS B 107 6.80 -16.00 -12.15
CA LYS B 107 6.83 -15.02 -13.23
C LYS B 107 5.88 -13.86 -12.87
N HIS B 108 6.33 -12.64 -13.11
CA HIS B 108 5.64 -11.43 -12.65
C HIS B 108 5.68 -10.20 -13.58
N ASP B 109 4.54 -9.53 -13.72
CA ASP B 109 4.41 -8.33 -14.54
C ASP B 109 4.32 -7.09 -13.62
N LEU B 110 5.05 -6.02 -13.97
CA LEU B 110 5.07 -4.81 -13.12
C LEU B 110 3.86 -3.91 -13.39
N ALA B 111 2.96 -3.84 -12.40
CA ALA B 111 1.72 -3.07 -12.54
C ALA B 111 1.90 -1.64 -12.09
N ALA B 112 2.69 -1.43 -11.05
CA ALA B 112 2.88 -0.05 -10.59
C ALA B 112 4.20 0.16 -9.90
N LEU B 113 4.66 1.40 -9.97
CA LEU B 113 5.95 1.77 -9.39
C LEU B 113 5.82 3.03 -8.56
N SER B 114 6.34 3.01 -7.33
CA SER B 114 6.21 4.18 -6.49
C SER B 114 7.46 4.51 -5.70
N TYR B 115 7.69 5.80 -5.51
CA TYR B 115 8.78 6.29 -4.67
C TYR B 115 8.24 7.24 -3.64
N LEU B 116 8.64 7.02 -2.40
CA LEU B 116 8.25 7.88 -1.30
C LEU B 116 9.46 8.25 -0.49
N THR B 117 9.40 9.40 0.18
CA THR B 117 10.47 9.82 1.06
C THR B 117 9.97 9.89 2.49
N PHE B 118 10.71 9.24 3.38
CA PHE B 118 10.39 9.19 4.79
C PHE B 118 11.45 9.88 5.61
N VAL B 119 11.04 10.43 6.74
CA VAL B 119 11.96 11.05 7.67
C VAL B 119 11.88 10.33 9.01
N ALA B 120 13.05 9.91 9.50
CA ALA B 120 13.16 9.27 10.80
C ALA B 120 13.14 10.30 11.92
N LEU B 121 12.44 9.99 13.00
CA LEU B 121 12.33 10.90 14.13
C LEU B 121 12.76 10.21 15.42
N ASP B 122 13.27 10.99 16.36
CA ASP B 122 13.59 10.48 17.69
C ASP B 122 12.36 10.56 18.58
N ASP B 123 12.51 10.11 19.82
CA ASP B 123 11.43 10.15 20.80
C ASP B 123 10.95 11.57 21.05
N GLU B 124 11.84 12.54 20.87
CA GLU B 124 11.49 13.95 21.03
C GLU B 124 10.71 14.47 19.81
N GLY B 125 10.72 13.70 18.73
CA GLY B 125 10.00 14.08 17.53
C GLY B 125 10.89 14.88 16.59
N LYS B 126 12.20 14.83 16.83
CA LYS B 126 13.15 15.59 16.03
C LYS B 126 13.83 14.67 15.02
N PRO B 127 14.14 15.18 13.83
CA PRO B 127 14.82 14.33 12.83
C PRO B 127 16.04 13.62 13.39
N LYS B 128 16.22 12.36 12.99
CA LYS B 128 17.28 11.53 13.56
C LYS B 128 18.08 10.88 12.44
N HIS B 129 19.37 10.66 12.69
CA HIS B 129 20.25 10.08 11.68
C HIS B 129 19.89 8.62 11.40
N VAL B 130 20.00 8.22 10.13
CA VAL B 130 19.70 6.87 9.74
C VAL B 130 20.96 6.20 9.20
N PRO B 131 21.00 4.86 9.22
CA PRO B 131 22.13 4.19 8.58
C PRO B 131 22.15 4.42 7.07
N GLY B 132 23.31 4.21 6.45
CA GLY B 132 23.41 4.27 5.01
C GLY B 132 22.91 2.97 4.44
N VAL B 133 22.77 2.89 3.13
CA VAL B 133 22.26 1.70 2.49
C VAL B 133 23.14 1.30 1.30
N TYR B 134 23.25 0.00 1.07
CA TYR B 134 24.00 -0.50 -0.08
C TYR B 134 23.27 -1.66 -0.75
N PRO B 135 23.35 -1.74 -2.09
CA PRO B 135 22.70 -2.81 -2.83
C PRO B 135 23.57 -4.06 -2.85
N GLU B 136 22.99 -5.22 -3.18
CA GLU B 136 23.77 -6.44 -3.26
C GLU B 136 23.58 -7.14 -4.60
N ASP B 137 22.37 -7.09 -5.15
CA ASP B 137 22.13 -7.69 -6.46
C ASP B 137 21.77 -6.60 -7.47
N ASP B 138 21.64 -6.99 -8.72
CA ASP B 138 21.55 -6.04 -9.82
C ASP B 138 20.36 -5.08 -9.76
N VAL B 139 19.17 -5.60 -9.44
CA VAL B 139 17.97 -4.77 -9.37
C VAL B 139 18.12 -3.70 -8.29
N GLU B 140 18.61 -4.15 -7.13
CA GLU B 140 18.88 -3.27 -6.02
C GLU B 140 19.85 -2.19 -6.47
N LYS B 141 20.87 -2.60 -7.22
CA LYS B 141 21.87 -1.68 -7.74
C LYS B 141 21.26 -0.68 -8.72
N TRP B 142 20.34 -1.13 -9.56
CA TRP B 142 19.64 -0.21 -10.46
C TRP B 142 18.92 0.88 -9.67
N PHE B 143 18.12 0.46 -8.70
CA PHE B 143 17.37 1.45 -7.91
C PHE B 143 18.32 2.35 -7.12
N TYR B 144 19.37 1.77 -6.55
CA TYR B 144 20.36 2.54 -5.80
C TYR B 144 21.07 3.55 -6.70
N ASP B 145 21.45 3.10 -7.89
CA ASP B 145 22.20 3.92 -8.83
C ASP B 145 21.38 5.06 -9.40
N THR B 146 20.10 4.81 -9.68
CA THR B 146 19.27 5.86 -10.27
C THR B 146 18.65 6.84 -9.25
N ALA B 147 18.89 6.62 -7.96
CA ALA B 147 18.24 7.43 -6.92
C ALA B 147 18.69 8.89 -6.87
N PRO B 148 20.02 9.14 -6.92
CA PRO B 148 20.51 10.52 -6.74
C PRO B 148 19.81 11.51 -7.66
N GLN B 149 19.60 11.10 -8.90
CA GLN B 149 18.91 11.95 -9.86
C GLN B 149 17.46 12.23 -9.40
N ARG B 150 16.78 11.19 -8.91
CA ARG B 150 15.42 11.35 -8.39
C ARG B 150 15.40 12.31 -7.20
N VAL B 151 16.37 12.13 -6.32
CA VAL B 151 16.48 12.98 -5.15
C VAL B 151 16.66 14.44 -5.56
N GLU B 152 17.56 14.69 -6.51
CA GLU B 152 17.80 16.06 -6.95
C GLU B 152 16.53 16.67 -7.52
N ARG B 153 15.82 15.88 -8.33
CA ARG B 153 14.55 16.37 -8.88
C ARG B 153 13.53 16.66 -7.78
N ARG B 154 13.46 15.78 -6.77
CA ARG B 154 12.54 16.02 -5.67
C ARG B 154 12.88 17.34 -4.96
N LYS B 155 14.16 17.59 -4.75
CA LYS B 155 14.63 18.84 -4.15
C LYS B 155 14.25 20.09 -4.97
N ALA B 156 14.46 20.02 -6.28
CA ALA B 156 14.04 21.13 -7.16
C ALA B 156 12.54 21.38 -7.04
N ARG B 157 11.78 20.29 -7.01
CA ARG B 157 10.35 20.42 -6.85
C ARG B 157 9.97 21.05 -5.49
N ARG B 158 10.62 20.65 -4.39
CA ARG B 158 10.37 21.31 -3.11
C ARG B 158 10.61 22.84 -3.20
N ILE B 159 11.71 23.19 -3.86
CA ILE B 159 12.03 24.60 -4.02
C ILE B 159 10.86 25.30 -4.70
N GLU B 160 10.39 24.79 -5.82
CA GLU B 160 9.23 25.41 -6.46
C GLU B 160 7.98 25.41 -5.58
N SER B 161 7.73 24.34 -4.85
CA SER B 161 6.55 24.24 -4.00
C SER B 161 6.48 25.36 -2.95
N LYS B 162 7.62 25.71 -2.37
CA LYS B 162 7.63 26.80 -1.38
C LYS B 162 7.03 28.13 -1.93
N GLN B 163 7.30 28.42 -3.19
CA GLN B 163 6.72 29.58 -3.89
C GLN B 163 5.17 29.48 -3.88
N THR B 164 4.64 28.31 -4.20
CA THR B 164 3.18 28.10 -4.20
C THR B 164 2.59 28.22 -2.80
N ILE B 165 3.24 27.61 -1.83
CA ILE B 165 2.77 27.69 -0.45
C ILE B 165 2.70 29.15 -0.01
N GLU B 166 3.75 29.93 -0.28
CA GLU B 166 3.68 31.35 0.09
C GLU B 166 2.55 32.07 -0.64
N TYR B 167 2.38 31.81 -1.93
CA TYR B 167 1.29 32.45 -2.63
C TYR B 167 -0.06 32.10 -1.98
N LEU B 168 -0.26 30.81 -1.67
CA LEU B 168 -1.51 30.38 -1.08
C LEU B 168 -1.71 30.97 0.31
N ALA B 169 -0.63 31.17 1.04
CA ALA B 169 -0.72 31.81 2.35
C ALA B 169 -1.10 33.28 2.20
N GLN B 170 -0.58 33.93 1.17
CA GLN B 170 -0.99 35.31 0.91
C GLN B 170 -2.46 35.38 0.47
N ALA B 171 -2.91 34.42 -0.34
CA ALA B 171 -4.27 34.43 -0.85
C ALA B 171 -5.32 34.47 0.27
N GLN B 172 -4.97 33.99 1.45
CA GLN B 172 -5.91 33.86 2.55
C GLN B 172 -6.13 35.18 3.31
N HIS B 173 -5.11 36.03 3.34
CA HIS B 173 -5.18 37.28 4.08
C HIS B 173 -6.09 38.30 3.39
N PRO C 7 3.46 -34.33 -8.88
CA PRO C 7 3.86 -32.92 -8.95
C PRO C 7 4.10 -32.36 -7.56
N MET C 8 5.24 -31.70 -7.35
CA MET C 8 5.62 -31.19 -6.03
C MET C 8 6.10 -29.74 -6.06
N LYS C 9 5.81 -29.01 -4.99
CA LYS C 9 6.29 -27.65 -4.82
C LYS C 9 7.03 -27.54 -3.49
N SER C 10 7.99 -26.63 -3.39
CA SER C 10 8.64 -26.39 -2.12
C SER C 10 7.70 -25.58 -1.23
N MET C 11 7.93 -25.64 0.07
CA MET C 11 7.15 -24.85 1.01
C MET C 11 7.42 -23.35 0.82
N SER C 12 8.68 -23.03 0.51
CA SER C 12 9.08 -21.65 0.28
C SER C 12 8.47 -21.07 -0.99
N GLU C 13 8.23 -21.93 -1.97
CA GLU C 13 7.77 -21.50 -3.29
C GLU C 13 6.48 -20.70 -3.23
N SER C 14 5.58 -21.08 -2.32
CA SER C 14 4.27 -20.42 -2.22
C SER C 14 4.17 -19.58 -0.95
N LYS C 15 5.31 -19.38 -0.27
CA LYS C 15 5.32 -18.63 0.96
C LYS C 15 4.81 -17.20 0.74
N CYS C 16 3.97 -16.73 1.66
CA CYS C 16 3.43 -15.38 1.55
C CYS C 16 3.64 -14.58 2.82
N TYR C 17 3.70 -13.25 2.64
CA TYR C 17 3.96 -12.32 3.73
C TYR C 17 2.91 -11.23 3.87
N LYS C 18 2.72 -10.80 5.11
CA LYS C 18 1.95 -9.58 5.37
C LYS C 18 2.54 -8.86 6.56
N ASN C 19 2.84 -7.58 6.39
CA ASN C 19 3.35 -6.76 7.48
C ASN C 19 2.36 -5.70 7.89
N ARG C 20 2.02 -5.63 9.17
CA ARG C 20 1.12 -4.59 9.63
C ARG C 20 1.38 -4.21 11.07
N GLN C 21 1.32 -2.91 11.33
CA GLN C 21 1.48 -2.37 12.66
C GLN C 21 0.12 -2.28 13.35
N VAL C 22 0.15 -2.31 14.68
CA VAL C 22 -1.05 -2.31 15.52
C VAL C 22 -1.38 -0.90 15.99
N PHE C 23 -2.54 -0.41 15.57
CA PHE C 23 -2.95 0.93 15.92
C PHE C 23 -4.04 0.95 16.99
N PRO C 24 -4.28 2.10 17.62
CA PRO C 24 -5.27 2.22 18.69
C PRO C 24 -6.69 1.75 18.29
N GLN C 25 -7.05 1.94 17.03
CA GLN C 25 -8.34 1.48 16.53
C GLN C 25 -8.43 -0.04 16.49
N ASP C 26 -7.28 -0.71 16.64
CA ASP C 26 -7.19 -2.17 16.65
C ASP C 26 -7.17 -2.77 18.07
N THR C 27 -7.27 -1.92 19.10
CA THR C 27 -7.08 -2.38 20.48
C THR C 27 -8.22 -2.03 21.44
N ASN C 28 -8.24 -2.74 22.56
CA ASN C 28 -9.21 -2.52 23.63
C ASN C 28 -8.79 -1.35 24.51
N HIS C 29 -9.45 -1.21 25.66
CA HIS C 29 -9.21 -0.06 26.54
C HIS C 29 -7.80 -0.02 27.16
N HIS C 30 -7.14 -1.17 27.19
CA HIS C 30 -5.80 -1.26 27.75
C HIS C 30 -4.66 -1.45 26.76
N HIS C 31 -4.92 -1.07 25.51
CA HIS C 31 -3.89 -1.08 24.47
C HIS C 31 -3.51 -2.48 24.00
N THR C 32 -4.43 -3.43 24.14
CA THR C 32 -4.20 -4.80 23.68
C THR C 32 -4.99 -5.09 22.40
N MET C 33 -4.31 -5.70 21.42
CA MET C 33 -4.90 -5.99 20.11
C MET C 33 -6.07 -6.97 20.17
N PHE C 34 -7.12 -6.69 19.41
CA PHE C 34 -8.27 -7.58 19.29
C PHE C 34 -7.86 -8.92 18.67
N GLY C 35 -8.34 -10.03 19.24
CA GLY C 35 -8.10 -11.33 18.67
C GLY C 35 -8.66 -11.49 17.26
N GLY C 36 -9.84 -10.90 17.05
CA GLY C 36 -10.51 -10.98 15.76
C GLY C 36 -9.71 -10.36 14.62
N THR C 37 -9.04 -9.27 14.90
CA THR C 37 -8.22 -8.58 13.88
C THR C 37 -7.07 -9.50 13.47
N LEU C 38 -6.42 -10.07 14.48
CA LEU C 38 -5.34 -11.01 14.24
C LEU C 38 -5.83 -12.16 13.40
N MET C 39 -6.96 -12.74 13.80
CA MET C 39 -7.53 -13.87 13.07
C MET C 39 -7.87 -13.51 11.61
N ALA C 40 -8.46 -12.32 11.41
CA ALA C 40 -8.75 -11.88 10.03
C ALA C 40 -7.49 -11.83 9.18
N ASN C 41 -6.45 -11.21 9.73
CA ASN C 41 -5.15 -11.15 9.05
C ASN C 41 -4.56 -12.54 8.74
N ILE C 42 -4.65 -13.42 9.73
CA ILE C 42 -4.16 -14.78 9.56
C ILE C 42 -4.87 -15.44 8.38
N ASP C 43 -6.20 -15.38 8.40
CA ASP C 43 -6.98 -16.00 7.34
C ASP C 43 -6.58 -15.42 5.98
N GLU C 44 -6.44 -14.09 5.91
CA GLU C 44 -6.06 -13.48 4.64
C GLU C 44 -4.75 -14.02 4.08
N ILE C 45 -3.70 -13.99 4.88
CA ILE C 45 -2.40 -14.40 4.32
C ILE C 45 -2.37 -15.90 4.00
N ALA C 46 -2.95 -16.71 4.89
CA ALA C 46 -2.99 -18.15 4.66
C ALA C 46 -3.70 -18.47 3.35
N ALA C 47 -4.82 -17.81 3.09
CA ALA C 47 -5.58 -18.07 1.86
C ALA C 47 -4.76 -17.81 0.60
N ILE C 48 -3.96 -16.75 0.59
CA ILE C 48 -3.17 -16.41 -0.57
C ILE C 48 -2.12 -17.48 -0.79
N THR C 49 -1.45 -17.87 0.30
CA THR C 49 -0.49 -18.96 0.19
C THR C 49 -1.13 -20.21 -0.40
N ALA C 50 -2.26 -20.62 0.16
CA ALA C 50 -2.95 -21.82 -0.31
C ALA C 50 -3.33 -21.69 -1.77
N MET C 51 -3.83 -20.52 -2.14
CA MET C 51 -4.21 -20.26 -3.52
C MET C 51 -3.03 -20.41 -4.47
N LYS C 52 -1.89 -19.85 -4.09
CA LYS C 52 -0.70 -19.95 -4.94
C LYS C 52 -0.23 -21.39 -5.05
N HIS C 53 -0.18 -22.11 -3.94
CA HIS C 53 0.27 -23.49 -3.98
C HIS C 53 -0.68 -24.34 -4.83
N ALA C 54 -1.99 -24.18 -4.63
CA ALA C 54 -2.99 -24.99 -5.32
C ALA C 54 -3.06 -24.69 -6.80
N GLY C 55 -2.76 -23.45 -7.18
CA GLY C 55 -2.92 -23.02 -8.55
C GLY C 55 -4.39 -22.92 -8.92
N ALA C 56 -5.23 -22.66 -7.92
CA ALA C 56 -6.68 -22.55 -8.12
C ALA C 56 -7.29 -21.77 -6.95
N GLN C 57 -8.57 -21.45 -7.05
CA GLN C 57 -9.25 -20.79 -5.95
C GLN C 57 -9.29 -21.72 -4.75
N VAL C 58 -9.41 -21.15 -3.56
CA VAL C 58 -9.46 -21.95 -2.35
C VAL C 58 -10.52 -21.41 -1.40
N VAL C 59 -10.91 -22.25 -0.46
CA VAL C 59 -11.78 -21.84 0.64
C VAL C 59 -11.20 -22.34 1.95
N THR C 60 -11.48 -21.63 3.03
CA THR C 60 -11.05 -22.08 4.36
C THR C 60 -11.97 -23.18 4.83
N ALA C 61 -11.43 -24.38 5.03
CA ALA C 61 -12.23 -25.48 5.53
C ALA C 61 -12.34 -25.36 7.03
N SER C 62 -11.24 -25.00 7.68
CA SER C 62 -11.24 -24.83 9.11
C SER C 62 -10.03 -24.08 9.63
N THR C 63 -10.21 -23.51 10.81
CA THR C 63 -9.15 -22.90 11.60
C THR C 63 -8.85 -23.66 12.88
N ASP C 64 -7.63 -24.18 13.05
CA ASP C 64 -7.33 -24.86 14.30
C ASP C 64 -7.30 -23.80 15.37
N SER C 65 -7.39 -24.21 16.63
CA SER C 65 -7.37 -23.26 17.72
C SER C 65 -6.13 -22.37 17.74
N VAL C 66 -6.29 -21.22 18.38
CA VAL C 66 -5.22 -20.25 18.57
C VAL C 66 -5.14 -19.78 20.01
N ASP C 67 -3.93 -19.88 20.56
CA ASP C 67 -3.66 -19.47 21.93
C ASP C 67 -2.96 -18.11 21.95
N PHE C 68 -3.52 -17.17 22.70
CA PHE C 68 -2.91 -15.85 22.83
C PHE C 68 -2.05 -15.84 24.08
N LEU C 69 -0.75 -16.09 23.91
CA LEU C 69 0.13 -16.29 25.06
C LEU C 69 0.58 -14.96 25.66
N LYS C 70 0.89 -13.99 24.80
CA LYS C 70 1.34 -12.68 25.27
C LYS C 70 0.57 -11.57 24.59
N PRO C 71 0.22 -10.51 25.34
CA PRO C 71 -0.55 -9.44 24.72
C PRO C 71 0.21 -8.77 23.59
N ILE C 72 -0.48 -8.54 22.48
CA ILE C 72 0.09 -7.77 21.40
C ILE C 72 -0.38 -6.35 21.64
N LYS C 73 0.54 -5.40 21.56
CA LYS C 73 0.28 -4.05 22.04
C LYS C 73 0.28 -3.00 20.93
N THR C 74 -0.36 -1.88 21.23
CA THR C 74 -0.37 -0.74 20.34
C THR C 74 1.04 -0.37 19.94
N GLY C 75 1.26 -0.22 18.65
CA GLY C 75 2.56 0.16 18.12
C GLY C 75 3.42 -1.02 17.73
N ASP C 76 3.03 -2.23 18.14
CA ASP C 76 3.79 -3.40 17.75
C ASP C 76 3.68 -3.56 16.24
N ILE C 77 4.75 -4.05 15.63
CA ILE C 77 4.77 -4.31 14.21
C ILE C 77 4.74 -5.81 14.03
N LEU C 78 3.78 -6.29 13.26
CA LEU C 78 3.61 -7.72 13.11
C LEU C 78 3.95 -8.14 11.70
N GLN C 79 4.61 -9.28 11.63
CA GLN C 79 4.88 -9.96 10.37
C GLN C 79 4.15 -11.29 10.40
N TYR C 80 3.30 -11.47 9.40
CA TYR C 80 2.59 -12.72 9.21
C TYR C 80 3.31 -13.44 8.09
N VAL C 81 3.68 -14.69 8.34
CA VAL C 81 4.31 -15.53 7.33
C VAL C 81 3.54 -16.82 7.17
N ALA C 82 3.13 -17.10 5.94
CA ALA C 82 2.32 -18.28 5.68
C ALA C 82 2.94 -19.22 4.66
N MET C 83 2.86 -20.52 4.95
CA MET C 83 3.23 -21.53 3.97
C MET C 83 2.49 -22.86 4.15
N VAL C 84 2.45 -23.63 3.07
CA VAL C 84 1.80 -24.93 3.04
C VAL C 84 2.69 -25.97 3.68
N SER C 85 2.20 -26.60 4.74
CA SER C 85 2.97 -27.57 5.50
C SER C 85 2.56 -29.03 5.22
N TYR C 86 1.42 -29.19 4.57
CA TYR C 86 0.91 -30.52 4.22
C TYR C 86 0.03 -30.44 2.99
N ALA C 87 0.13 -31.44 2.13
CA ALA C 87 -0.71 -31.51 0.95
C ALA C 87 -1.43 -32.85 0.89
N GLY C 88 -2.76 -32.80 0.98
CA GLY C 88 -3.58 -33.98 0.87
C GLY C 88 -3.95 -34.17 -0.58
N THR C 89 -5.19 -34.58 -0.84
CA THR C 89 -5.65 -34.72 -2.21
C THR C 89 -6.10 -33.37 -2.73
N SER C 90 -7.04 -32.75 -2.02
CA SER C 90 -7.59 -31.46 -2.43
C SER C 90 -7.39 -30.43 -1.31
N SER C 91 -6.85 -30.87 -0.19
CA SER C 91 -6.74 -30.00 0.98
C SER C 91 -5.29 -29.70 1.30
N MET C 92 -5.08 -28.58 1.98
CA MET C 92 -3.75 -28.15 2.39
C MET C 92 -3.79 -27.67 3.82
N GLU C 93 -2.74 -27.94 4.57
CA GLU C 93 -2.55 -27.29 5.85
C GLU C 93 -1.66 -26.10 5.61
N VAL C 94 -2.11 -24.94 6.09
CA VAL C 94 -1.30 -23.74 6.02
C VAL C 94 -0.91 -23.38 7.43
N VAL C 95 0.39 -23.16 7.61
CA VAL C 95 0.91 -22.72 8.88
C VAL C 95 1.27 -21.26 8.73
N VAL C 96 0.85 -20.48 9.72
CA VAL C 96 1.08 -19.05 9.79
C VAL C 96 1.81 -18.71 11.05
N GLN C 97 2.96 -18.08 10.87
CA GLN C 97 3.74 -17.58 11.99
C GLN C 97 3.47 -16.09 12.12
N ILE C 98 3.19 -15.67 13.35
CA ILE C 98 2.99 -14.26 13.64
C ILE C 98 4.11 -13.78 14.53
N ARG C 99 4.95 -12.91 13.98
CA ARG C 99 6.09 -12.39 14.71
C ARG C 99 6.00 -10.91 14.97
N ILE C 100 6.50 -10.49 16.13
CA ILE C 100 6.62 -9.09 16.45
C ILE C 100 8.01 -8.57 16.08
N ASP C 101 8.07 -7.69 15.09
CA ASP C 101 9.33 -7.10 14.70
C ASP C 101 9.59 -5.92 15.62
N ASP C 102 10.71 -5.94 16.34
CA ASP C 102 11.10 -4.79 17.15
C ASP C 102 12.23 -4.07 16.43
N VAL C 103 11.87 -3.08 15.62
CA VAL C 103 12.80 -2.41 14.73
C VAL C 103 13.92 -1.71 15.49
N PHE C 104 13.60 -1.23 16.68
CA PHE C 104 14.56 -0.48 17.50
C PHE C 104 15.75 -1.36 17.88
N ASN C 105 15.46 -2.58 18.32
CA ASN C 105 16.48 -3.49 18.85
C ASN C 105 16.88 -4.62 17.90
N ASN C 106 16.37 -4.58 16.67
CA ASN C 106 16.64 -5.65 15.72
C ASN C 106 16.23 -7.01 16.30
N LYS C 107 15.05 -7.04 16.90
CA LYS C 107 14.51 -8.21 17.58
C LYS C 107 13.29 -8.72 16.83
N HIS C 108 13.18 -10.04 16.74
CA HIS C 108 12.12 -10.67 15.97
C HIS C 108 11.62 -11.87 16.76
N ASP C 109 10.55 -11.68 17.52
CA ASP C 109 10.01 -12.72 18.38
C ASP C 109 8.70 -13.32 17.87
N LEU C 110 8.60 -14.64 17.98
CA LEU C 110 7.41 -15.37 17.55
C LEU C 110 6.36 -15.29 18.66
N ALA C 111 5.28 -14.55 18.38
CA ALA C 111 4.22 -14.32 19.35
C ALA C 111 3.16 -15.40 19.31
N ALA C 112 2.84 -15.86 18.11
CA ALA C 112 1.80 -16.85 17.94
C ALA C 112 1.97 -17.67 16.67
N LEU C 113 1.36 -18.84 16.70
CA LEU C 113 1.42 -19.80 15.61
C LEU C 113 0.00 -20.25 15.29
N SER C 114 -0.35 -20.34 14.01
CA SER C 114 -1.70 -20.75 13.69
C SER C 114 -1.71 -21.73 12.52
N TYR C 115 -2.67 -22.66 12.56
CA TYR C 115 -2.80 -23.66 11.51
C TYR C 115 -4.21 -23.59 10.95
N LEU C 116 -4.31 -23.63 9.62
CA LEU C 116 -5.61 -23.59 8.97
C LEU C 116 -5.63 -24.63 7.87
N THR C 117 -6.83 -25.07 7.50
CA THR C 117 -6.97 -26.02 6.42
C THR C 117 -7.71 -25.37 5.26
N PHE C 118 -7.12 -25.47 4.07
CA PHE C 118 -7.74 -24.93 2.87
C PHE C 118 -8.03 -26.03 1.88
N VAL C 119 -9.09 -25.85 1.08
CA VAL C 119 -9.42 -26.79 0.03
C VAL C 119 -9.46 -26.10 -1.31
N ALA C 120 -8.75 -26.68 -2.28
CA ALA C 120 -8.74 -26.17 -3.64
C ALA C 120 -10.03 -26.60 -4.34
N LEU C 121 -10.61 -25.70 -5.13
CA LEU C 121 -11.84 -25.98 -5.86
C LEU C 121 -11.67 -25.68 -7.34
N ASP C 122 -12.41 -26.39 -8.18
CA ASP C 122 -12.43 -26.09 -9.61
C ASP C 122 -13.47 -25.01 -9.88
N ASP C 123 -13.56 -24.59 -11.14
CA ASP C 123 -14.53 -23.56 -11.53
C ASP C 123 -15.97 -23.98 -11.25
N GLU C 124 -16.22 -25.29 -11.24
CA GLU C 124 -17.54 -25.81 -10.93
C GLU C 124 -17.81 -25.74 -9.42
N GLY C 125 -16.76 -25.48 -8.64
CA GLY C 125 -16.90 -25.35 -7.20
C GLY C 125 -16.66 -26.68 -6.49
N LYS C 126 -16.08 -27.64 -7.21
CA LYS C 126 -15.84 -28.96 -6.65
C LYS C 126 -14.37 -29.12 -6.25
N PRO C 127 -14.09 -29.86 -5.16
CA PRO C 127 -12.71 -30.06 -4.75
C PRO C 127 -11.80 -30.52 -5.87
N LYS C 128 -10.57 -30.01 -5.87
CA LYS C 128 -9.62 -30.23 -6.95
C LYS C 128 -8.29 -30.72 -6.41
N HIS C 129 -7.61 -31.55 -7.19
CA HIS C 129 -6.34 -32.10 -6.77
C HIS C 129 -5.31 -31.00 -6.69
N VAL C 130 -4.43 -31.08 -5.68
CA VAL C 130 -3.40 -30.08 -5.50
C VAL C 130 -2.02 -30.71 -5.68
N PRO C 131 -1.02 -29.87 -5.97
CA PRO C 131 0.34 -30.40 -5.99
C PRO C 131 0.75 -30.83 -4.59
N GLY C 132 1.76 -31.68 -4.47
CA GLY C 132 2.30 -32.00 -3.16
C GLY C 132 3.28 -30.94 -2.74
N VAL C 133 3.72 -30.99 -1.47
CA VAL C 133 4.64 -30.00 -0.96
C VAL C 133 5.81 -30.66 -0.25
N TYR C 134 6.99 -30.06 -0.34
CA TYR C 134 8.15 -30.57 0.36
C TYR C 134 8.97 -29.48 1.02
N PRO C 135 9.56 -29.77 2.18
CA PRO C 135 10.40 -28.81 2.90
C PRO C 135 11.82 -28.80 2.36
N GLU C 136 12.58 -27.76 2.68
CA GLU C 136 13.97 -27.69 2.25
C GLU C 136 14.91 -27.41 3.43
N ASP C 137 14.47 -26.63 4.40
CA ASP C 137 15.28 -26.33 5.58
C ASP C 137 14.65 -26.91 6.85
N ASP C 138 15.37 -26.80 7.96
CA ASP C 138 15.00 -27.48 9.20
C ASP C 138 13.62 -27.07 9.72
N VAL C 139 13.38 -25.76 9.75
CA VAL C 139 12.11 -25.25 10.25
C VAL C 139 10.94 -25.73 9.38
N GLU C 140 11.10 -25.64 8.07
CA GLU C 140 10.08 -26.14 7.16
C GLU C 140 9.83 -27.64 7.39
N LYS C 141 10.93 -28.38 7.54
CA LYS C 141 10.87 -29.81 7.79
C LYS C 141 10.16 -30.15 9.08
N TRP C 142 10.40 -29.36 10.12
CA TRP C 142 9.73 -29.58 11.40
C TRP C 142 8.20 -29.52 11.21
N PHE C 143 7.72 -28.44 10.57
CA PHE C 143 6.29 -28.28 10.33
C PHE C 143 5.79 -29.41 9.44
N TYR C 144 6.58 -29.74 8.42
CA TYR C 144 6.21 -30.80 7.49
C TYR C 144 6.08 -32.13 8.24
N ASP C 145 7.02 -32.39 9.13
CA ASP C 145 7.05 -33.65 9.88
C ASP C 145 5.87 -33.77 10.84
N THR C 146 5.55 -32.65 11.51
CA THR C 146 4.47 -32.68 12.51
C THR C 146 3.05 -32.54 11.96
N ALA C 147 2.91 -32.38 10.65
CA ALA C 147 1.61 -32.11 10.05
C ALA C 147 0.60 -33.27 10.13
N PRO C 148 1.03 -34.50 9.80
CA PRO C 148 0.07 -35.62 9.72
C PRO C 148 -0.78 -35.82 10.97
N GLN C 149 -0.17 -35.68 12.15
CA GLN C 149 -0.92 -35.83 13.39
C GLN C 149 -2.01 -34.76 13.51
N ARG C 150 -1.64 -33.52 13.19
CA ARG C 150 -2.59 -32.42 13.23
C ARG C 150 -3.73 -32.69 12.24
N VAL C 151 -3.35 -33.11 11.03
CA VAL C 151 -4.35 -33.37 10.01
C VAL C 151 -5.34 -34.46 10.45
N GLU C 152 -4.83 -35.59 10.94
CA GLU C 152 -5.74 -36.66 11.33
C GLU C 152 -6.66 -36.16 12.45
N ARG C 153 -6.09 -35.43 13.41
CA ARG C 153 -6.94 -34.91 14.49
C ARG C 153 -8.03 -33.94 14.00
N ARG C 154 -7.69 -32.98 13.14
CA ARG C 154 -8.72 -32.07 12.66
C ARG C 154 -9.78 -32.82 11.82
N LYS C 155 -9.34 -33.79 11.02
CA LYS C 155 -10.32 -34.57 10.27
C LYS C 155 -11.31 -35.27 11.20
N ALA C 156 -10.83 -35.85 12.30
CA ALA C 156 -11.77 -36.39 13.31
C ALA C 156 -12.69 -35.30 13.89
N ARG C 157 -12.07 -34.15 14.16
CA ARG C 157 -12.80 -33.05 14.74
C ARG C 157 -13.94 -32.57 13.84
N ARG C 158 -13.73 -32.55 12.53
CA ARG C 158 -14.82 -32.19 11.61
C ARG C 158 -16.06 -33.06 11.88
N ILE C 159 -15.85 -34.36 12.02
CA ILE C 159 -16.95 -35.27 12.33
C ILE C 159 -17.61 -34.84 13.61
N GLU C 160 -16.79 -34.60 14.63
CA GLU C 160 -17.39 -34.16 15.89
C GLU C 160 -18.25 -32.90 15.69
N SER C 161 -17.75 -31.95 14.90
CA SER C 161 -18.49 -30.72 14.64
C SER C 161 -19.83 -30.98 13.95
N LYS C 162 -19.80 -31.79 12.91
CA LYS C 162 -21.03 -32.13 12.20
C LYS C 162 -22.02 -32.78 13.14
N GLN C 163 -21.54 -33.73 13.94
CA GLN C 163 -22.37 -34.41 14.92
C GLN C 163 -23.02 -33.43 15.88
N THR C 164 -22.23 -32.51 16.40
CA THR C 164 -22.78 -31.57 17.37
C THR C 164 -23.85 -30.70 16.73
N ILE C 165 -23.58 -30.21 15.52
CA ILE C 165 -24.60 -29.41 14.84
C ILE C 165 -25.88 -30.21 14.59
N GLU C 166 -25.74 -31.42 14.05
CA GLU C 166 -26.91 -32.26 13.76
C GLU C 166 -27.69 -32.52 15.05
N TYR C 167 -26.97 -32.84 16.11
CA TYR C 167 -27.59 -33.08 17.40
C TYR C 167 -28.33 -31.86 17.95
N LEU C 168 -27.72 -30.68 17.90
CA LEU C 168 -28.40 -29.50 18.44
C LEU C 168 -29.65 -29.13 17.66
N ALA C 169 -29.69 -29.42 16.37
CA ALA C 169 -30.90 -29.20 15.59
C ALA C 169 -31.98 -30.17 16.06
N GLN C 170 -32.43 -30.00 17.30
CA GLN C 170 -33.43 -30.89 17.90
C GLN C 170 -34.24 -30.12 18.94
O9 BCO D . -2.09 14.31 -22.98
P1 BCO D . -1.57 12.97 -23.47
O5 BCO D . -2.72 12.21 -24.08
O6 BCO D . -0.47 13.20 -24.49
O2 BCO D . -0.94 12.14 -22.19
C1 BCO D . -0.74 10.82 -22.31
C2 BCO D . 0.29 10.36 -21.29
O3 BCO D . 1.28 11.43 -21.05
C4 BCO D . -0.44 10.12 -20.18
N1 BCO D . 0.17 9.14 -19.35
C7 BCO D . 0.28 7.84 -19.65
N2 BCO D . 0.92 7.23 -18.64
C8 BCO D . 1.18 8.15 -17.70
C6 BCO D . 0.73 9.33 -18.14
N3 BCO D . 0.87 10.43 -17.36
C15 BCO D . 1.48 10.34 -16.15
N4 BCO D . 1.95 9.15 -15.72
C12 BCO D . 1.81 8.06 -16.47
N5 BCO D . 2.37 6.93 -15.79
O1 BCO D . -1.88 9.59 -20.70
C3 BCO D . -2.04 9.98 -21.93
C5 BCO D . -2.14 8.74 -22.85
O4 BCO D . -0.87 8.16 -22.93
P2 BCO D . -0.62 6.83 -23.95
O12 BCO D . 0.81 6.34 -23.76
O10 BCO D . -0.85 7.25 -25.38
O7 BCO D . -1.69 5.62 -23.55
P3 BCO D . -1.30 4.24 -22.70
O14 BCO D . 0.14 4.27 -22.26
O13 BCO D . -1.55 3.02 -23.57
O8 BCO D . -2.30 4.15 -21.37
C11 BCO D . -2.31 5.22 -20.42
C9 BCO D . -3.07 4.74 -19.14
C13 BCO D . -3.23 5.93 -18.11
C14 BCO D . -4.48 4.29 -19.59
C10 BCO D . -2.23 3.64 -18.44
O11 BCO D . -1.52 2.89 -19.36
C16 BCO D . -3.08 2.72 -17.56
O15 BCO D . -3.97 2.06 -17.98
N6 BCO D . -2.75 2.68 -16.14
C17 BCO D . -3.53 1.83 -15.22
C18 BCO D . -4.41 2.70 -14.27
C19 BCO D . -4.89 1.70 -13.20
O16 BCO D . -4.98 0.57 -13.50
N7 BCO D . -5.25 2.01 -11.82
C20 BCO D . -5.23 3.35 -11.27
C21 BCO D . -6.53 3.42 -10.41
S1 BCO D . -7.81 4.33 -11.35
C22 BCO D . -9.47 3.48 -11.42
O17 BCO D . -9.71 2.75 -12.33
C23 BCO D . -10.53 3.73 -10.31
C24 BCO D . -11.94 3.98 -10.94
C25 BCO D . -12.26 5.50 -11.10
H3 BCO D . -0.45 10.60 -23.21
H4 BCO D . 0.72 9.55 -21.59
H5 BCO D . 1.95 11.32 -21.57
H6 BCO D . -0.55 10.95 -19.68
H7 BCO D . -0.01 7.45 -20.44
H8 BCO D . 1.58 11.10 -15.62
H9 BCO D . 1.98 6.61 -15.09
H10 BCO D . 3.10 6.58 -16.08
H11 BCO D . -2.84 10.53 -22.02
H12 BCO D . -2.45 9.01 -23.73
H13 BCO D . -2.77 8.11 -22.46
H16 BCO D . -2.76 5.98 -20.80
H17 BCO D . -1.40 5.46 -20.18
H18 BCO D . -3.65 5.59 -17.30
H19 BCO D . -3.79 6.63 -18.50
H20 BCO D . -2.35 6.30 -17.90
H21 BCO D . -4.96 3.92 -18.83
H22 BCO D . -4.40 3.61 -20.27
H23 BCO D . -4.97 5.05 -19.94
H24 BCO D . -1.58 4.09 -17.87
H25 BCO D . -0.79 2.61 -19.00
H26 BCO D . -2.10 3.16 -15.83
H27 BCO D . -2.92 1.28 -14.68
H28 BCO D . -5.16 3.08 -14.74
H29 BCO D . -5.51 1.37 -11.31
H30 BCO D . -5.26 4.01 -11.98
H31 BCO D . -4.44 3.49 -10.71
H32 BCO D . -6.84 2.52 -10.22
H33 BCO D . -6.35 3.89 -9.58
H34 BCO D . -10.28 4.52 -9.78
H35 BCO D . -11.97 3.56 -11.82
H36 BCO D . -11.89 5.99 -10.33
H37 BCO D . -11.85 5.83 -11.91
H38 BCO D . -13.21 5.62 -11.14
N1A COA E . 10.15 16.12 0.73
C2A COA E . 11.24 15.31 0.87
N3A COA E . 12.07 15.44 1.95
C4A COA E . 11.82 16.38 2.88
C5A COA E . 10.73 17.18 2.75
C6A COA E . 9.90 17.04 1.66
N6A COA E . 8.69 17.77 1.28
N7A COA E . 10.71 18.01 3.80
C8A COA E . 11.76 17.73 4.59
N9A COA E . 12.45 16.73 4.02
C1B COA E . 13.63 16.14 4.58
C2B COA E . 14.74 16.77 4.21
O2B COA E . 15.23 16.29 2.92
C3B COA E . 15.74 16.38 5.35
O3B COA E . 16.29 15.20 5.07
P3B COA E . 17.92 15.06 4.99
O7A COA E . 18.39 15.37 3.59
O8A COA E . 18.57 16.02 5.97
O9A COA E . 18.31 13.63 5.34
C4B COA E . 14.84 16.23 6.64
O4B COA E . 13.59 16.32 6.22
C5B COA E . 15.14 17.34 7.66
O5B COA E . 14.64 18.57 7.21
P1A COA E . 13.85 19.56 8.27
O1A COA E . 13.84 20.97 7.72
O2A COA E . 14.58 19.55 9.59
O3A COA E . 12.29 19.04 8.49
P2A COA E . 10.96 20.02 8.33
O4A COA E . 10.76 20.84 9.58
O5A COA E . 11.17 20.94 7.15
O6A COA E . 9.61 19.10 8.06
CBP COA E . 8.24 17.19 8.61
CCP COA E . 9.02 18.39 9.13
CDP COA E . 8.88 16.72 7.28
CEP COA E . 8.32 16.06 9.66
CAP COA E . 6.73 17.65 8.44
OAP COA E . 6.71 18.72 7.58
C9P COA E . 5.80 16.57 7.87
O9P COA E . 6.20 15.75 7.11
N8P COA E . 4.33 16.55 8.26
C7P COA E . 3.43 15.52 7.68
C6P COA E . 2.96 14.38 8.66
C5P COA E . 2.74 13.12 7.80
O5P COA E . 3.56 12.80 7.01
N4P COA E . 1.52 12.28 7.91
C3P COA E . 1.35 11.10 7.04
C2P COA E . 2.58 10.15 7.13
S1P COA E . 3.09 9.81 8.86
H2A COA E . 11.34 14.69 0.18
H61A COA E . 8.75 18.46 0.79
H62A COA E . 7.92 17.50 1.56
H8A COA E . 11.98 18.16 5.39
H1B COA E . 13.68 15.21 4.34
H2B COA E . 14.60 17.73 4.19
HO2A COA E . 15.72 16.87 2.56
H3B COA E . 16.41 17.06 5.47
H4B COA E . 14.99 15.36 7.04
H51A COA E . 14.75 17.12 8.51
H52A COA E . 16.11 17.41 7.75
H121 COA E . 8.42 18.98 9.61
H122 COA E . 9.72 18.08 9.73
H131 COA E . 9.00 17.47 6.68
H132 COA E . 8.30 16.05 6.87
H133 COA E . 9.74 16.31 7.48
H141 COA E . 8.02 16.40 10.52
H142 COA E . 7.76 15.32 9.39
H143 COA E . 9.24 15.75 9.74
H10 COA E . 6.39 17.94 9.29
HO1 COA E . 6.03 19.20 7.74
HN8 COA E . 4.02 17.14 8.80
H71 COA E . 3.88 15.10 6.92
H72 COA E . 2.63 15.97 7.34
H61 COA E . 2.14 14.63 9.09
H62 COA E . 3.65 14.21 9.32
HN4 COA E . 0.90 12.50 8.47
H31 COA E . 1.24 11.39 6.12
H32 COA E . 0.55 10.61 7.32
H21 COA E . 2.36 9.32 6.69
H22 COA E . 3.32 10.56 6.64
HS1 COA E . 3.14 8.63 9.03
C17 5NG F . -10.80 -31.53 3.97
C20 5NG F . -10.78 -33.40 2.63
C01 5NG F . -15.26 -26.77 0.42
C02 5NG F . -15.58 -27.87 1.48
C03 5NG F . -14.57 -27.74 2.65
C04 5NG F . -15.42 -29.30 0.74
O05 5NG F . -15.94 -30.27 1.53
P06 5NG F . -16.83 -31.43 0.85
O07 5NG F . -17.69 -30.86 -0.29
O08 5NG F . -17.70 -32.02 1.93
O09 5NG F . -15.79 -32.60 0.21
P10 5NG F . -14.59 -33.33 1.16
O11 5NG F . -13.92 -34.47 0.32
O12 5NG F . -15.21 -33.88 2.44
O13 5NG F . -13.39 -32.19 1.58
C14 5NG F . -12.12 -32.24 0.95
O16 5NG F . -11.51 -31.07 3.04
C18 5NG F . -11.14 -33.15 3.83
O19 5NG F . -10.38 -33.92 4.78
O21 5NG F . -9.25 -33.66 2.58
P22 5NG F . -8.58 -34.46 1.25
O23 5NG F . -7.02 -34.28 1.26
O24 5NG F . -8.90 -35.95 1.35
O25 5NG F . -9.14 -33.91 -0.01
N26 5NG F . -11.10 -30.96 5.30
C27 5NG F . -10.24 -30.92 6.31
N28 5NG F . -10.79 -30.34 7.38
C29 5NG F . -12.05 -30.00 7.03
C30 5NG F . -13.10 -29.37 7.71
N31 5NG F . -12.93 -28.95 9.12
N32 5NG F . -14.25 -29.17 7.09
C33 5NG F . -14.41 -29.54 5.81
N34 5NG F . -13.44 -30.15 5.14
C35 5NG F . -12.26 -30.38 5.71
C36 5NG F . -17.03 -27.78 2.03
O37 5NG F . -17.04 -27.98 3.41
C38 5NG F . -17.73 -26.46 1.62
O39 5NG F . -18.38 -26.48 0.60
N40 5NG F . -17.70 -25.18 2.36
C41 5NG F . -16.99 -24.89 3.62
C42 5NG F . -15.90 -23.83 3.33
C43 5NG F . -16.24 -22.29 3.60
O44 5NG F . -17.30 -21.80 3.39
N45 5NG F . -15.12 -21.41 4.12
C46 5NG F . -15.36 -19.97 4.39
C47 5NG F . -14.10 -19.21 4.02
S48 5NG F . -13.80 -19.32 2.18
S49 5NG F . -12.56 -17.66 1.68
C50 5NG F . -11.83 -17.26 3.31
C51 5NG F . -10.51 -16.45 3.14
N52 5NG F . -10.18 -16.31 1.71
C53 5NG F . -9.50 -15.15 1.24
O54 5NG F . -9.26 -15.07 0.09
C55 5NG F . -9.10 -13.99 2.20
C56 5NG F . -10.23 -13.04 2.50
N57 5NG F . -9.83 -11.76 3.11
C58 5NG F . -8.82 -10.83 2.46
O59 5NG F . -8.28 -11.12 1.42
C60 5NG F . -8.50 -9.53 3.15
O61 5NG F . -9.17 -9.53 4.39
C62 5NG F . -8.99 -8.35 2.28
C63 5NG F . -10.41 -8.60 1.73
C64 5NG F . -8.02 -8.17 1.10
C65 5NG F . -9.03 -7.04 3.15
O66 5NG F . -7.79 -6.91 3.87
P67 5NG F . -7.42 -5.37 4.43
O68 5NG F . -5.97 -5.31 4.85
O69 5NG F . -8.29 -5.04 5.58
O70 5NG F . -7.72 -4.30 3.19
P71 5NG F . -6.53 -3.43 2.39
O72 5NG F . -7.19 -2.78 1.15
O73 5NG F . -5.42 -4.33 1.93
O74 5NG F . -5.97 -2.27 3.42
C75 5NG F . -6.86 -1.30 3.91
C76 5NG F . -6.62 -1.13 5.35
O77 5NG F . -5.02 -0.70 5.58
C78 5NG F . -4.97 -0.11 6.74
C79 5NG F . -6.35 0.70 6.76
O80 5NG F . -6.80 0.79 8.00
C81 5NG F . -7.34 -0.14 5.88
O82 5NG F . -8.39 -0.72 6.73
P83 5NG F . -10.00 -0.39 6.41
O84 5NG F . -10.24 1.12 6.44
O85 5NG F . -10.35 -0.92 5.06
O86 5NG F . -10.86 -1.05 7.46
N87 5NG F . -3.73 0.71 6.79
C88 5NG F . -2.68 0.49 7.59
N89 5NG F . -1.75 1.40 7.36
C90 5NG F . -2.20 2.22 6.38
C91 5NG F . -1.68 3.35 5.70
N92 5NG F . -0.38 3.88 6.02
N93 5NG F . -2.39 3.94 4.78
C94 5NG F . -3.60 3.47 4.47
N95 5NG F . -4.13 2.43 5.07
C96 5NG F . -3.45 1.78 6.02
H151 5NG F . -10.35 -31.75 1.44
H171 5NG F . -9.89 -31.38 3.78
H201 5NG F . -11.25 -34.12 2.28
H011 5NG F . -14.58 -27.09 -0.14
H012 5NG F . -16.02 -26.59 -0.09
H013 5NG F . -14.98 -25.99 0.85
H031 5NG F . -14.63 -28.50 3.20
H032 5NG F . -13.70 -27.68 2.30
H033 5NG F . -14.76 -26.97 3.15
H041 5NG F . -15.87 -29.27 -0.08
H042 5NG F . -14.51 -29.47 0.58
H141 5NG F . -12.07 -31.57 0.30
H142 5NG F . -12.01 -33.08 0.54
H181 5NG F . -12.07 -33.30 3.93
H191 5NG F . -10.10 -33.43 5.38
H271 5NG F . -9.37 -31.26 6.29
H311 5NG F . -13.53 -28.45 9.50
H312 5NG F . -12.24 -29.20 9.57
H331 5NG F . -15.22 -29.39 5.39
H361 5NG F . -17.51 -28.49 1.64
H371 5NG F . -16.96 -28.80 3.58
H401 5NG F . -18.14 -24.52 2.00
H411 5NG F . -16.58 -25.68 3.94
H412 5NG F . -17.60 -24.56 4.26
H421 5NG F . -15.15 -24.05 3.84
H422 5NG F . -15.66 -23.91 2.43
H451 5NG F . -14.34 -21.74 4.28
H461 5NG F . -15.54 -19.85 5.30
H462 5NG F . -16.07 -19.67 3.86
H471 5NG F . -14.21 -18.31 4.25
H472 5NG F . -13.36 -19.56 4.48
H501 5NG F . -12.44 -16.76 3.81
H502 5NG F . -11.65 -18.06 3.77
H511 5NG F . -9.80 -16.90 3.57
H512 5NG F . -10.61 -15.60 3.51
H521 5NG F . -10.39 -16.95 1.16
H551 5NG F . -8.81 -14.36 3.02
H552 5NG F . -8.40 -13.52 1.82
H561 5NG F . -10.67 -12.85 1.70
H562 5NG F . -10.83 -13.46 3.07
H571 5NG F . -10.20 -11.51 3.86
H601 5NG F . -7.58 -9.46 3.29
H611 5NG F . -9.99 -9.56 4.25
H631 5NG F . -10.81 -9.30 2.22
H632 5NG F . -10.36 -8.84 0.82
H633 5NG F . -10.92 -7.82 1.83
H641 5NG F . -8.16 -7.32 0.72
H642 5NG F . -7.14 -8.24 1.40
H643 5NG F . -8.19 -8.83 0.46
H651 5NG F . -9.14 -6.30 2.59
H652 5NG F . -9.74 -7.08 3.76
H751 5NG F . -7.74 -1.57 3.76
H752 5NG F . -6.71 -0.48 3.46
H761 5NG F . -6.80 -1.93 5.79
H781 5NG F . -4.97 -0.77 7.42
H791 5NG F . -6.23 1.56 6.40
H801 5NG F . -7.22 1.51 8.09
H811 5NG F . -7.71 0.39 5.21
H881 5NG F . -2.61 -0.19 8.22
C15 5NG F . -11.12 -32.06 1.88
H921 5NG F . 0.00 4.43 5.48
H922 5NG F . 0.02 3.63 6.75
H941 5NG F . -4.10 3.90 3.81
#